data_1YEK
#
_entry.id   1YEK
#
_cell.length_a   78.730
_cell.length_b   78.730
_cell.length_c   159.030
_cell.angle_alpha   90.00
_cell.angle_beta   90.00
_cell.angle_gamma   120.00
#
_symmetry.space_group_name_H-M   'P 31 2 1'
#
loop_
_entity.id
_entity.type
_entity.pdbx_description
1 polymer 'PROTEIN (IG ANTIBODY D2.3 (LIGHT CHAIN))'
2 polymer 'PROTEIN (IG ANTIBODY D2.3 (HEAVY CHAIN))'
3 non-polymer 'ZINC ION'
4 non-polymer P-NITROPHENOL
5 water water
#
loop_
_entity_poly.entity_id
_entity_poly.type
_entity_poly.pdbx_seq_one_letter_code
_entity_poly.pdbx_strand_id
1 'polypeptide(L)'
;DIVMTQSPLTLSVTIGQPASISCKSSQSLLYSNGKTYLNWLLQRPGQSPKRLIHLVSKLDSGVPDRITGSGSGTDFTLKI
SRVEAADLGVYYCVQGTHFPYTFGGGTKLEILRADAAPTVSIFPPSSEQLTSGGASVVCFLNNFYPKDINVKWKIDGSER
QNGVLNSWTDQDSKDSTYSMSSTLTLTKDEYERHNSYTCEATHKTSTSPIVKSFNRNEC
;
L
2 'polypeptide(L)'
;EMQLQQSGAELLRPGTSVKLSCKTSGYIFTSYWIHWVKQRSGQGLEWIARIYPGTGSTYYNEKFKGKATLTADKSSSTAY
MQLSTLKSEDSAVYFCTRWGFIPVREDYVMDYWGQGTLVTVSSAKTTAPSVYPLAPVCGDTTGSSVTLGCLVKGYFPEPV
TLTWNSGSLSSGVHTFPAVLQSDLYTLSSSVTVTSSTWPSQSITCNVAHPASSTKVDKKIEP
;
H
#
loop_
_chem_comp.id
_chem_comp.type
_chem_comp.name
_chem_comp.formula
NPO non-polymer P-NITROPHENOL 'C6 H5 N O3'
ZN non-polymer 'ZINC ION' 'Zn 2'
#
# COMPACT_ATOMS: atom_id res chain seq x y z
N ASP A 1 26.50 3.86 -11.54
CA ASP A 1 26.02 2.95 -10.46
C ASP A 1 25.65 1.64 -11.14
N ILE A 2 25.55 0.56 -10.39
CA ILE A 2 25.20 -0.74 -10.96
C ILE A 2 23.70 -0.77 -11.21
N VAL A 3 23.32 -1.22 -12.41
CA VAL A 3 21.92 -1.36 -12.78
C VAL A 3 21.51 -2.83 -12.58
N MET A 4 20.42 -3.03 -11.83
CA MET A 4 19.88 -4.37 -11.52
C MET A 4 18.56 -4.60 -12.26
N THR A 5 18.54 -5.59 -13.14
CA THR A 5 17.36 -5.91 -13.93
C THR A 5 16.68 -7.17 -13.47
N GLN A 6 15.40 -7.08 -13.13
CA GLN A 6 14.63 -8.22 -12.67
C GLN A 6 13.59 -8.63 -13.68
N SER A 7 13.43 -9.94 -13.88
CA SER A 7 12.42 -10.45 -14.78
C SER A 7 11.90 -11.76 -14.17
N PRO A 8 10.58 -12.02 -14.28
CA PRO A 8 9.60 -11.15 -14.94
C PRO A 8 9.14 -10.01 -14.01
N LEU A 9 8.29 -9.14 -14.51
CA LEU A 9 7.77 -8.03 -13.70
C LEU A 9 6.70 -8.53 -12.73
N THR A 10 6.00 -9.58 -13.15
CA THR A 10 4.95 -10.19 -12.34
C THR A 10 4.84 -11.68 -12.70
N LEU A 11 4.49 -12.50 -11.72
CA LEU A 11 4.29 -13.91 -11.97
C LEU A 11 3.06 -14.36 -11.19
N SER A 12 2.25 -15.20 -11.82
CA SER A 12 1.03 -15.71 -11.20
C SER A 12 1.27 -17.19 -11.03
N VAL A 13 1.26 -17.67 -9.80
CA VAL A 13 1.52 -19.09 -9.55
C VAL A 13 0.44 -19.67 -8.69
N THR A 14 0.12 -20.95 -8.89
CA THR A 14 -0.89 -21.59 -8.05
C THR A 14 -0.20 -22.10 -6.80
N ILE A 15 -0.89 -22.07 -5.67
CA ILE A 15 -0.32 -22.57 -4.43
C ILE A 15 0.16 -24.03 -4.64
N GLY A 16 1.41 -24.28 -4.28
CA GLY A 16 1.97 -25.61 -4.45
C GLY A 16 2.93 -25.72 -5.61
N GLN A 17 2.92 -24.76 -6.51
CA GLN A 17 3.83 -24.80 -7.63
C GLN A 17 5.09 -23.99 -7.37
N PRO A 18 6.16 -24.32 -8.10
CA PRO A 18 7.43 -23.61 -7.96
C PRO A 18 7.41 -22.28 -8.70
N ALA A 19 8.27 -21.35 -8.29
CA ALA A 19 8.36 -20.04 -8.92
C ALA A 19 9.81 -19.61 -8.87
N SER A 20 10.28 -18.92 -9.89
CA SER A 20 11.65 -18.45 -9.86
C SER A 20 11.77 -17.05 -10.47
N ILE A 21 12.65 -16.24 -9.89
CA ILE A 21 12.85 -14.85 -10.29
C ILE A 21 14.30 -14.62 -10.66
N SER A 22 14.50 -13.87 -11.73
CA SER A 22 15.82 -13.58 -12.21
C SER A 22 16.22 -12.14 -11.96
N CYS A 23 17.50 -11.96 -11.66
CA CYS A 23 18.11 -10.67 -11.41
C CYS A 23 19.48 -10.67 -12.09
N LYS A 24 19.70 -9.68 -12.96
CA LYS A 24 20.92 -9.50 -13.75
C LYS A 24 21.56 -8.15 -13.35
N SER A 25 22.88 -8.10 -13.24
CA SER A 25 23.55 -6.86 -12.87
C SER A 25 24.45 -6.36 -13.99
N SER A 26 24.68 -5.05 -14.04
CA SER A 26 25.52 -4.47 -15.07
C SER A 26 27.04 -4.67 -14.86
N GLN A 27 27.44 -5.02 -13.64
CA GLN A 27 28.86 -5.29 -13.31
C GLN A 27 28.84 -6.59 -12.54
N SER A 28 29.96 -7.31 -12.52
CA SER A 28 30.05 -8.54 -11.73
C SER A 28 29.89 -8.12 -10.28
N LEU A 29 29.19 -8.92 -9.49
CA LEU A 29 28.99 -8.60 -8.09
C LEU A 29 30.01 -9.29 -7.21
N LEU A 30 31.05 -9.86 -7.83
CA LEU A 30 32.11 -10.50 -7.05
C LEU A 30 32.96 -9.40 -6.41
N TYR A 31 32.99 -9.32 -5.09
CA TYR A 31 33.79 -8.32 -4.41
C TYR A 31 35.27 -8.77 -4.45
N SER A 32 36.19 -7.85 -4.18
CA SER A 32 37.61 -8.17 -4.22
C SER A 32 38.06 -9.15 -3.15
N ASN A 33 37.24 -9.36 -2.13
CA ASN A 33 37.59 -10.32 -1.10
C ASN A 33 37.05 -11.71 -1.48
N GLY A 34 36.51 -11.82 -2.70
CA GLY A 34 35.96 -13.07 -3.20
C GLY A 34 34.52 -13.38 -2.81
N LYS A 35 33.90 -12.50 -2.04
CA LYS A 35 32.51 -12.67 -1.61
C LYS A 35 31.61 -11.96 -2.60
N THR A 36 30.37 -12.44 -2.73
CA THR A 36 29.36 -11.84 -3.59
C THR A 36 28.18 -11.34 -2.72
N TYR A 37 28.04 -10.03 -2.61
CA TYR A 37 26.99 -9.42 -1.79
C TYR A 37 25.68 -9.13 -2.51
N LEU A 38 24.97 -10.20 -2.84
CA LEU A 38 23.68 -10.12 -3.51
C LEU A 38 22.62 -10.61 -2.51
N ASN A 39 21.60 -9.77 -2.28
CA ASN A 39 20.51 -10.06 -1.35
C ASN A 39 19.15 -10.07 -2.04
N TRP A 40 18.19 -10.76 -1.43
CA TRP A 40 16.82 -10.83 -1.94
C TRP A 40 15.91 -10.41 -0.81
N LEU A 41 14.97 -9.50 -1.11
CA LEU A 41 14.04 -9.00 -0.11
C LEU A 41 12.61 -9.26 -0.55
N LEU A 42 11.71 -9.29 0.43
CA LEU A 42 10.28 -9.48 0.17
C LEU A 42 9.58 -8.34 0.88
N GLN A 43 8.71 -7.65 0.19
CA GLN A 43 7.91 -6.61 0.83
C GLN A 43 6.46 -7.03 0.65
N ARG A 44 5.87 -7.52 1.73
CA ARG A 44 4.49 -7.95 1.70
C ARG A 44 3.59 -6.73 1.74
N PRO A 45 2.35 -6.87 1.26
CA PRO A 45 1.40 -5.75 1.24
C PRO A 45 1.29 -5.02 2.58
N GLY A 46 1.51 -3.71 2.53
CA GLY A 46 1.44 -2.87 3.71
C GLY A 46 2.50 -3.10 4.77
N GLN A 47 3.59 -3.78 4.40
CA GLN A 47 4.67 -4.07 5.34
C GLN A 47 6.00 -3.50 4.85
N SER A 48 6.96 -3.41 5.75
CA SER A 48 8.31 -2.94 5.42
C SER A 48 9.01 -4.10 4.71
N PRO A 49 10.07 -3.82 3.94
CA PRO A 49 10.75 -4.94 3.28
C PRO A 49 11.44 -5.84 4.33
N LYS A 50 11.76 -7.08 3.96
CA LYS A 50 12.42 -8.02 4.87
C LYS A 50 13.42 -8.82 4.05
N ARG A 51 14.65 -8.99 4.56
CA ARG A 51 15.66 -9.76 3.86
C ARG A 51 15.40 -11.24 4.01
N LEU A 52 15.43 -11.92 2.88
CA LEU A 52 15.23 -13.36 2.80
C LEU A 52 16.59 -14.07 2.67
N ILE A 53 17.42 -13.56 1.77
CA ILE A 53 18.70 -14.15 1.47
C ILE A 53 19.82 -13.13 1.43
N HIS A 54 21.01 -13.55 1.86
CA HIS A 54 22.20 -12.73 1.82
C HIS A 54 23.32 -13.61 1.27
N LEU A 55 24.37 -12.99 0.75
CA LEU A 55 25.50 -13.71 0.18
C LEU A 55 25.05 -14.75 -0.84
N VAL A 56 24.15 -14.32 -1.72
CA VAL A 56 23.61 -15.12 -2.82
C VAL A 56 22.73 -16.33 -2.46
N SER A 57 23.14 -17.13 -1.49
CA SER A 57 22.39 -18.34 -1.18
C SER A 57 22.16 -18.65 0.28
N LYS A 58 22.61 -17.76 1.15
CA LYS A 58 22.45 -17.98 2.57
C LYS A 58 21.13 -17.42 3.03
N LEU A 59 20.32 -18.26 3.66
CA LEU A 59 19.01 -17.85 4.17
C LEU A 59 19.12 -17.15 5.51
N ASP A 60 18.33 -16.11 5.70
CA ASP A 60 18.35 -15.43 6.98
C ASP A 60 17.59 -16.30 7.94
N SER A 61 17.84 -16.10 9.21
CA SER A 61 17.17 -16.88 10.22
C SER A 61 15.66 -16.64 10.17
N GLY A 62 14.91 -17.73 10.29
CA GLY A 62 13.47 -17.66 10.26
C GLY A 62 12.85 -17.71 8.89
N VAL A 63 13.67 -17.86 7.84
CA VAL A 63 13.18 -17.94 6.48
C VAL A 63 13.09 -19.42 6.10
N PRO A 64 11.93 -19.85 5.57
CA PRO A 64 11.65 -21.22 5.15
C PRO A 64 12.62 -21.65 4.06
N ASP A 65 13.14 -22.88 4.17
CA ASP A 65 14.08 -23.36 3.17
C ASP A 65 13.41 -23.79 1.88
N ARG A 66 12.16 -23.37 1.69
CA ARG A 66 11.43 -23.63 0.43
C ARG A 66 12.04 -22.59 -0.52
N ILE A 67 12.59 -21.54 0.07
CA ILE A 67 13.24 -20.45 -0.66
C ILE A 67 14.70 -20.81 -0.87
N THR A 68 15.16 -20.61 -2.09
CA THR A 68 16.52 -20.94 -2.44
C THR A 68 17.07 -19.86 -3.34
N GLY A 69 18.36 -19.56 -3.20
CA GLY A 69 18.96 -18.56 -4.07
C GLY A 69 20.20 -19.12 -4.72
N SER A 70 20.53 -18.67 -5.92
CA SER A 70 21.73 -19.16 -6.56
C SER A 70 22.22 -18.15 -7.58
N GLY A 71 23.36 -18.45 -8.18
CA GLY A 71 23.98 -17.59 -9.19
C GLY A 71 25.37 -17.11 -8.81
N SER A 72 25.98 -16.33 -9.70
CA SER A 72 27.30 -15.73 -9.48
C SER A 72 27.54 -14.75 -10.61
N GLY A 73 28.53 -13.89 -10.46
CA GLY A 73 28.83 -12.93 -11.50
C GLY A 73 27.78 -11.86 -11.69
N THR A 74 27.04 -11.93 -12.79
CA THR A 74 26.02 -10.94 -13.08
C THR A 74 24.61 -11.52 -13.14
N ASP A 75 24.50 -12.84 -12.93
CA ASP A 75 23.21 -13.52 -13.02
C ASP A 75 22.84 -14.26 -11.76
N PHE A 76 21.66 -13.95 -11.25
CA PHE A 76 21.17 -14.56 -10.02
C PHE A 76 19.71 -14.97 -10.13
N THR A 77 19.33 -15.99 -9.37
CA THR A 77 17.97 -16.51 -9.38
C THR A 77 17.49 -16.87 -8.00
N LEU A 78 16.24 -16.50 -7.73
CA LEU A 78 15.58 -16.84 -6.47
C LEU A 78 14.57 -17.92 -6.88
N LYS A 79 14.48 -19.00 -6.12
CA LYS A 79 13.52 -20.04 -6.42
C LYS A 79 12.75 -20.42 -5.18
N ILE A 80 11.43 -20.48 -5.33
CA ILE A 80 10.53 -20.89 -4.26
C ILE A 80 10.08 -22.25 -4.77
N SER A 81 10.41 -23.29 -4.02
CA SER A 81 10.10 -24.65 -4.43
C SER A 81 8.61 -24.99 -4.40
N ARG A 82 7.90 -24.44 -3.42
CA ARG A 82 6.48 -24.67 -3.22
C ARG A 82 5.85 -23.37 -2.78
N VAL A 83 5.07 -22.73 -3.63
CA VAL A 83 4.44 -21.46 -3.29
C VAL A 83 3.28 -21.62 -2.31
N GLU A 84 3.27 -20.76 -1.28
CA GLU A 84 2.24 -20.76 -0.26
C GLU A 84 1.55 -19.40 -0.33
N ALA A 85 0.49 -19.22 0.43
CA ALA A 85 -0.26 -17.97 0.48
C ALA A 85 0.58 -16.78 1.02
N ALA A 86 1.36 -17.07 2.05
CA ALA A 86 2.23 -16.09 2.70
C ALA A 86 3.34 -15.52 1.80
N ASP A 87 3.49 -16.08 0.60
CA ASP A 87 4.54 -15.64 -0.31
C ASP A 87 4.15 -14.47 -1.20
N LEU A 88 2.90 -14.06 -1.11
CA LEU A 88 2.38 -12.95 -1.90
C LEU A 88 3.13 -11.63 -1.58
N GLY A 89 3.52 -10.91 -2.64
CA GLY A 89 4.22 -9.65 -2.43
C GLY A 89 5.18 -9.30 -3.54
N VAL A 90 6.09 -8.36 -3.28
CA VAL A 90 7.08 -7.96 -4.27
C VAL A 90 8.48 -8.37 -3.81
N TYR A 91 9.24 -9.00 -4.71
CA TYR A 91 10.59 -9.48 -4.41
C TYR A 91 11.60 -8.56 -5.10
N TYR A 92 12.67 -8.21 -4.38
CA TYR A 92 13.72 -7.33 -4.93
C TYR A 92 15.08 -7.93 -4.68
N CYS A 93 16.00 -7.73 -5.62
CA CYS A 93 17.37 -8.16 -5.41
C CYS A 93 18.09 -6.83 -5.16
N VAL A 94 19.08 -6.85 -4.26
CA VAL A 94 19.84 -5.65 -3.91
C VAL A 94 21.30 -6.07 -3.86
N GLN A 95 22.18 -5.24 -4.39
CA GLN A 95 23.60 -5.55 -4.37
C GLN A 95 24.34 -4.60 -3.43
N GLY A 96 25.27 -5.13 -2.65
CA GLY A 96 26.05 -4.31 -1.76
C GLY A 96 27.54 -4.39 -2.08
N THR A 97 27.88 -4.92 -3.26
CA THR A 97 29.29 -5.06 -3.69
C THR A 97 29.90 -3.75 -4.18
N HIS A 98 29.09 -2.94 -4.85
CA HIS A 98 29.55 -1.68 -5.38
C HIS A 98 28.76 -0.56 -4.74
N PHE A 99 29.42 0.56 -4.48
CA PHE A 99 28.83 1.74 -3.87
C PHE A 99 28.45 2.72 -4.98
N PRO A 100 27.23 3.28 -4.91
CA PRO A 100 26.22 3.07 -3.87
C PRO A 100 25.43 1.77 -4.10
N TYR A 101 24.79 1.28 -3.04
CA TYR A 101 24.00 0.06 -3.12
C TYR A 101 22.77 0.33 -3.99
N THR A 102 22.41 -0.64 -4.83
CA THR A 102 21.29 -0.46 -5.73
C THR A 102 20.37 -1.67 -5.72
N PHE A 103 19.08 -1.39 -5.98
CA PHE A 103 18.02 -2.38 -6.00
C PHE A 103 17.51 -2.65 -7.41
N GLY A 104 16.93 -3.84 -7.61
CA GLY A 104 16.29 -4.18 -8.88
C GLY A 104 14.89 -3.58 -8.80
N GLY A 105 14.15 -3.60 -9.91
CA GLY A 105 12.81 -2.99 -9.94
C GLY A 105 11.68 -3.69 -9.24
N GLY A 106 11.91 -4.95 -8.84
CA GLY A 106 10.91 -5.73 -8.15
C GLY A 106 10.15 -6.68 -9.05
N THR A 107 9.64 -7.76 -8.47
CA THR A 107 8.84 -8.76 -9.19
C THR A 107 7.65 -9.06 -8.30
N LYS A 108 6.45 -8.76 -8.78
CA LYS A 108 5.27 -9.00 -7.99
C LYS A 108 4.81 -10.42 -8.21
N LEU A 109 4.58 -11.13 -7.12
CA LEU A 109 4.14 -12.51 -7.18
C LEU A 109 2.67 -12.50 -6.79
N GLU A 110 1.82 -13.00 -7.67
CA GLU A 110 0.40 -13.09 -7.37
C GLU A 110 -0.04 -14.54 -7.42
N ILE A 111 -0.95 -14.88 -6.52
CA ILE A 111 -1.47 -16.23 -6.40
C ILE A 111 -2.57 -16.48 -7.43
N LEU A 112 -2.33 -17.42 -8.32
CA LEU A 112 -3.27 -17.77 -9.36
C LEU A 112 -4.34 -18.67 -8.74
N ARG A 113 -5.60 -18.32 -8.91
CA ARG A 113 -6.69 -19.11 -8.36
C ARG A 113 -7.85 -19.25 -9.34
N ALA A 114 -8.90 -19.94 -8.90
CA ALA A 114 -10.07 -20.15 -9.75
C ALA A 114 -10.81 -18.84 -10.00
N ASP A 115 -11.40 -18.71 -11.18
CA ASP A 115 -12.15 -17.52 -11.53
C ASP A 115 -13.24 -17.27 -10.49
N ALA A 116 -13.51 -16.00 -10.23
CA ALA A 116 -14.53 -15.61 -9.30
C ALA A 116 -15.27 -14.38 -9.86
N ALA A 117 -16.57 -14.50 -9.96
CA ALA A 117 -17.42 -13.43 -10.48
C ALA A 117 -17.60 -12.41 -9.37
N PRO A 118 -17.66 -11.13 -9.73
CA PRO A 118 -17.83 -10.07 -8.75
C PRO A 118 -19.18 -10.05 -8.09
N THR A 119 -19.19 -9.62 -6.83
CA THR A 119 -20.41 -9.44 -6.08
C THR A 119 -20.48 -7.91 -6.15
N VAL A 120 -21.51 -7.39 -6.81
CA VAL A 120 -21.67 -5.95 -7.00
C VAL A 120 -22.74 -5.34 -6.10
N SER A 121 -22.46 -4.18 -5.52
CA SER A 121 -23.40 -3.48 -4.67
C SER A 121 -23.48 -2.02 -5.11
N ILE A 122 -24.68 -1.46 -5.20
CA ILE A 122 -24.83 -0.07 -5.63
C ILE A 122 -25.52 0.78 -4.54
N PHE A 123 -24.97 1.96 -4.28
CA PHE A 123 -25.48 2.87 -3.25
C PHE A 123 -25.76 4.27 -3.76
N PRO A 124 -26.98 4.76 -3.58
CA PRO A 124 -27.40 6.09 -4.01
C PRO A 124 -26.86 7.07 -2.96
N PRO A 125 -26.87 8.39 -3.25
CA PRO A 125 -26.38 9.44 -2.33
C PRO A 125 -27.05 9.42 -0.97
N SER A 126 -26.29 9.72 0.08
CA SER A 126 -26.85 9.79 1.41
C SER A 126 -27.53 11.15 1.57
N SER A 127 -28.46 11.24 2.52
CA SER A 127 -29.20 12.47 2.80
C SER A 127 -28.21 13.55 3.18
N GLU A 128 -27.28 13.20 4.06
CA GLU A 128 -26.26 14.14 4.50
C GLU A 128 -25.57 14.80 3.31
N GLN A 129 -25.14 13.99 2.34
CA GLN A 129 -24.44 14.55 1.18
C GLN A 129 -25.34 15.45 0.32
N LEU A 130 -26.52 14.96 0.01
CA LEU A 130 -27.45 15.73 -0.81
C LEU A 130 -27.62 17.11 -0.22
N THR A 131 -27.74 17.16 1.10
CA THR A 131 -27.89 18.39 1.85
C THR A 131 -26.82 19.40 1.48
N SER A 132 -25.58 18.92 1.39
CA SER A 132 -24.43 19.76 1.06
C SER A 132 -24.38 20.21 -0.40
N GLY A 133 -25.30 19.71 -1.22
CA GLY A 133 -25.32 20.08 -2.62
C GLY A 133 -24.56 19.16 -3.53
N GLY A 134 -24.16 18.00 -3.02
CA GLY A 134 -23.43 17.04 -3.82
C GLY A 134 -24.12 15.70 -3.86
N ALA A 135 -23.72 14.84 -4.80
CA ALA A 135 -24.32 13.53 -4.90
C ALA A 135 -23.34 12.54 -5.49
N SER A 136 -22.99 11.51 -4.72
CA SER A 136 -22.10 10.46 -5.18
C SER A 136 -22.84 9.12 -5.20
N VAL A 137 -22.70 8.38 -6.29
CA VAL A 137 -23.33 7.08 -6.42
C VAL A 137 -22.13 6.14 -6.37
N VAL A 138 -22.15 5.20 -5.43
CA VAL A 138 -21.07 4.25 -5.23
C VAL A 138 -21.40 2.82 -5.64
N CYS A 139 -20.42 2.16 -6.24
CA CYS A 139 -20.61 0.79 -6.67
C CYS A 139 -19.40 -0.04 -6.25
N PHE A 140 -19.64 -1.08 -5.46
CA PHE A 140 -18.58 -1.99 -5.00
C PHE A 140 -18.62 -3.28 -5.78
N LEU A 141 -17.48 -3.66 -6.34
CA LEU A 141 -17.34 -4.89 -7.09
C LEU A 141 -16.37 -5.70 -6.24
N ASN A 142 -16.94 -6.54 -5.39
CA ASN A 142 -16.18 -7.33 -4.46
C ASN A 142 -15.83 -8.77 -4.81
N ASN A 143 -14.64 -9.15 -4.36
CA ASN A 143 -14.09 -10.50 -4.48
C ASN A 143 -14.14 -11.20 -5.82
N PHE A 144 -13.42 -10.69 -6.80
CA PHE A 144 -13.40 -11.32 -8.11
C PHE A 144 -11.99 -11.72 -8.49
N TYR A 145 -11.88 -12.58 -9.49
CA TYR A 145 -10.59 -13.04 -10.01
C TYR A 145 -10.84 -13.57 -11.43
N PRO A 146 -10.00 -13.19 -12.42
CA PRO A 146 -8.79 -12.34 -12.44
C PRO A 146 -9.05 -10.87 -12.13
N LYS A 147 -7.97 -10.12 -11.95
CA LYS A 147 -8.07 -8.70 -11.62
C LYS A 147 -8.61 -7.81 -12.74
N ASP A 148 -8.43 -8.27 -13.97
CA ASP A 148 -8.86 -7.53 -15.15
C ASP A 148 -10.37 -7.37 -15.25
N ILE A 149 -10.85 -6.15 -15.09
CA ILE A 149 -12.28 -5.86 -15.13
C ILE A 149 -12.49 -4.45 -15.69
N ASN A 150 -13.63 -4.23 -16.33
CA ASN A 150 -13.93 -2.91 -16.90
C ASN A 150 -15.31 -2.44 -16.43
N VAL A 151 -15.36 -1.28 -15.79
CA VAL A 151 -16.63 -0.73 -15.31
C VAL A 151 -16.97 0.59 -15.97
N LYS A 152 -18.21 0.75 -16.41
CA LYS A 152 -18.68 1.99 -17.01
C LYS A 152 -19.98 2.39 -16.33
N TRP A 153 -20.22 3.70 -16.21
CA TRP A 153 -21.43 4.19 -15.61
C TRP A 153 -22.38 4.64 -16.71
N LYS A 154 -23.68 4.46 -16.48
CA LYS A 154 -24.66 4.90 -17.47
C LYS A 154 -25.80 5.57 -16.75
N ILE A 155 -26.24 6.70 -17.28
CA ILE A 155 -27.36 7.44 -16.70
C ILE A 155 -28.41 7.57 -17.78
N ASP A 156 -29.57 7.00 -17.51
CA ASP A 156 -30.66 7.05 -18.48
C ASP A 156 -30.22 6.53 -19.84
N GLY A 157 -29.43 5.46 -19.81
CA GLY A 157 -28.98 4.84 -21.03
C GLY A 157 -27.77 5.41 -21.72
N SER A 158 -27.16 6.45 -21.18
CA SER A 158 -25.98 6.99 -21.83
C SER A 158 -24.76 6.93 -20.91
N GLU A 159 -23.63 6.57 -21.49
CA GLU A 159 -22.37 6.44 -20.76
C GLU A 159 -21.94 7.79 -20.23
N ARG A 160 -21.51 7.78 -18.98
CA ARG A 160 -21.06 8.99 -18.31
C ARG A 160 -19.60 8.70 -17.96
N GLN A 161 -18.69 9.52 -18.46
CA GLN A 161 -17.27 9.30 -18.21
C GLN A 161 -16.63 10.34 -17.32
N ASN A 162 -17.36 11.40 -17.04
CA ASN A 162 -16.83 12.46 -16.20
C ASN A 162 -17.42 12.37 -14.80
N GLY A 163 -16.54 12.55 -13.81
CA GLY A 163 -16.92 12.49 -12.40
C GLY A 163 -16.75 11.11 -11.79
N VAL A 164 -16.03 10.23 -12.49
CA VAL A 164 -15.81 8.86 -12.05
C VAL A 164 -14.45 8.70 -11.35
N LEU A 165 -14.46 8.04 -10.20
CA LEU A 165 -13.27 7.84 -9.42
C LEU A 165 -13.23 6.35 -9.04
N ASN A 166 -12.23 5.63 -9.54
CA ASN A 166 -12.05 4.19 -9.28
C ASN A 166 -10.86 3.90 -8.39
N SER A 167 -11.00 2.89 -7.55
CA SER A 167 -9.90 2.47 -6.67
C SER A 167 -9.94 0.94 -6.55
N TRP A 168 -8.78 0.30 -6.53
CA TRP A 168 -8.68 -1.15 -6.44
C TRP A 168 -7.87 -1.56 -5.23
N THR A 169 -8.16 -2.75 -4.69
CA THR A 169 -7.40 -3.27 -3.54
C THR A 169 -6.34 -4.20 -4.12
N ASP A 170 -5.33 -4.52 -3.33
CA ASP A 170 -4.30 -5.44 -3.78
C ASP A 170 -4.90 -6.82 -3.59
N GLN A 171 -4.18 -7.85 -4.00
CA GLN A 171 -4.71 -9.19 -3.85
C GLN A 171 -4.85 -9.57 -2.39
N ASP A 172 -6.05 -10.03 -2.05
CA ASP A 172 -6.41 -10.47 -0.71
C ASP A 172 -5.65 -11.76 -0.35
N SER A 173 -4.97 -11.77 0.78
CA SER A 173 -4.22 -12.96 1.19
C SER A 173 -5.11 -14.00 1.86
N LYS A 174 -6.40 -13.72 2.00
CA LYS A 174 -7.31 -14.70 2.59
C LYS A 174 -8.00 -15.54 1.55
N ASP A 175 -8.25 -15.00 0.36
CA ASP A 175 -8.92 -15.77 -0.67
C ASP A 175 -8.38 -15.54 -2.07
N SER A 176 -7.30 -14.75 -2.15
CA SER A 176 -6.64 -14.42 -3.40
C SER A 176 -7.50 -13.62 -4.36
N THR A 177 -8.53 -12.95 -3.86
CA THR A 177 -9.37 -12.17 -4.75
C THR A 177 -9.04 -10.67 -4.68
N TYR A 178 -9.62 -9.92 -5.61
CA TYR A 178 -9.46 -8.47 -5.72
C TYR A 178 -10.82 -7.80 -5.50
N SER A 179 -10.84 -6.55 -5.09
CA SER A 179 -12.09 -5.82 -4.92
C SER A 179 -11.87 -4.44 -5.52
N MET A 180 -12.93 -3.79 -6.00
CA MET A 180 -12.79 -2.47 -6.55
C MET A 180 -13.99 -1.58 -6.24
N SER A 181 -13.74 -0.29 -6.15
CA SER A 181 -14.75 0.71 -5.83
C SER A 181 -14.78 1.75 -6.94
N SER A 182 -15.99 2.12 -7.36
CA SER A 182 -16.18 3.12 -8.40
C SER A 182 -17.21 4.09 -7.87
N THR A 183 -16.86 5.37 -7.84
CA THR A 183 -17.75 6.40 -7.35
C THR A 183 -18.01 7.43 -8.46
N LEU A 184 -19.27 7.74 -8.71
CA LEU A 184 -19.64 8.76 -9.71
C LEU A 184 -20.21 9.95 -8.92
N THR A 185 -19.59 11.11 -9.05
CA THR A 185 -20.06 12.28 -8.33
C THR A 185 -20.68 13.33 -9.25
N LEU A 186 -21.84 13.86 -8.88
CA LEU A 186 -22.56 14.87 -9.65
C LEU A 186 -23.03 15.91 -8.65
N THR A 187 -23.69 16.94 -9.15
CA THR A 187 -24.25 17.95 -8.27
C THR A 187 -25.60 17.37 -7.85
N LYS A 188 -26.19 17.90 -6.78
CA LYS A 188 -27.49 17.43 -6.32
C LYS A 188 -28.56 17.71 -7.37
N ASP A 189 -28.45 18.86 -8.03
CA ASP A 189 -29.42 19.25 -9.06
C ASP A 189 -29.45 18.29 -10.23
N GLU A 190 -28.28 17.93 -10.74
CA GLU A 190 -28.25 17.01 -11.86
C GLU A 190 -28.69 15.62 -11.46
N TYR A 191 -28.32 15.21 -10.24
CA TYR A 191 -28.70 13.91 -9.73
C TYR A 191 -30.22 13.78 -9.74
N GLU A 192 -30.89 14.82 -9.26
CA GLU A 192 -32.33 14.82 -9.17
C GLU A 192 -33.04 15.11 -10.47
N ARG A 193 -32.31 15.02 -11.57
CA ARG A 193 -32.89 15.28 -12.88
C ARG A 193 -32.90 14.00 -13.74
N HIS A 194 -32.27 12.94 -13.25
CA HIS A 194 -32.20 11.69 -13.97
C HIS A 194 -32.98 10.58 -13.28
N ASN A 195 -33.22 9.49 -14.00
CA ASN A 195 -33.98 8.38 -13.43
C ASN A 195 -33.12 7.17 -13.04
N SER A 196 -32.51 6.53 -14.03
CA SER A 196 -31.70 5.32 -13.84
C SER A 196 -30.21 5.55 -13.78
N TYR A 197 -29.56 4.86 -12.84
CA TYR A 197 -28.11 4.93 -12.65
C TYR A 197 -27.61 3.51 -12.70
N THR A 198 -26.73 3.23 -13.66
CA THR A 198 -26.23 1.87 -13.83
C THR A 198 -24.72 1.72 -13.76
N CYS A 199 -24.33 0.74 -12.95
CA CYS A 199 -22.95 0.36 -12.75
C CYS A 199 -22.86 -0.91 -13.64
N GLU A 200 -22.02 -0.87 -14.66
CA GLU A 200 -21.92 -1.99 -15.59
C GLU A 200 -20.49 -2.52 -15.73
N ALA A 201 -20.27 -3.79 -15.39
CA ALA A 201 -18.94 -4.37 -15.48
C ALA A 201 -18.73 -5.40 -16.59
N THR A 202 -17.50 -5.46 -17.07
CA THR A 202 -17.06 -6.39 -18.09
C THR A 202 -16.03 -7.26 -17.38
N HIS A 203 -16.27 -8.56 -17.33
CA HIS A 203 -15.37 -9.50 -16.68
C HIS A 203 -15.39 -10.88 -17.39
N LYS A 204 -14.25 -11.56 -17.33
CA LYS A 204 -14.04 -12.89 -17.89
C LYS A 204 -15.14 -13.90 -17.53
N THR A 205 -15.64 -13.83 -16.30
CA THR A 205 -16.67 -14.75 -15.83
C THR A 205 -18.07 -14.58 -16.44
N SER A 206 -18.22 -13.76 -17.47
CA SER A 206 -19.52 -13.59 -18.08
C SER A 206 -19.40 -13.04 -19.50
N THR A 207 -20.15 -13.64 -20.43
CA THR A 207 -20.11 -13.21 -21.83
C THR A 207 -20.91 -11.92 -22.04
N SER A 208 -21.69 -11.55 -21.04
CA SER A 208 -22.48 -10.33 -21.10
C SER A 208 -22.11 -9.44 -19.90
N PRO A 209 -22.26 -8.12 -20.05
CA PRO A 209 -21.94 -7.21 -18.96
C PRO A 209 -22.70 -7.53 -17.70
N ILE A 210 -22.01 -7.40 -16.57
CA ILE A 210 -22.57 -7.62 -15.24
C ILE A 210 -23.20 -6.27 -14.85
N VAL A 211 -24.48 -6.30 -14.50
CA VAL A 211 -25.20 -5.07 -14.22
C VAL A 211 -25.87 -4.93 -12.85
N LYS A 212 -25.82 -3.71 -12.35
CA LYS A 212 -26.48 -3.35 -11.10
C LYS A 212 -26.97 -1.92 -11.23
N SER A 213 -28.24 -1.71 -10.97
CA SER A 213 -28.80 -0.38 -11.10
C SER A 213 -29.91 -0.07 -10.12
N PHE A 214 -30.35 1.19 -10.15
CA PHE A 214 -31.45 1.65 -9.33
C PHE A 214 -32.08 2.84 -10.05
N ASN A 215 -33.36 3.04 -9.80
CA ASN A 215 -34.10 4.16 -10.36
C ASN A 215 -34.40 5.06 -9.19
N ARG A 216 -33.93 6.28 -9.25
CA ARG A 216 -34.21 7.20 -8.18
C ARG A 216 -35.51 7.79 -8.65
N ASN A 217 -36.41 8.04 -7.72
CA ASN A 217 -37.69 8.65 -8.03
C ASN A 217 -38.17 9.27 -6.73
N GLU A 218 -39.45 9.20 -6.44
CA GLU A 218 -39.93 9.78 -5.20
C GLU A 218 -41.14 9.04 -4.66
N CYS A 219 -41.25 9.06 -3.32
CA CYS A 219 -42.33 8.44 -2.51
C CYS A 219 -41.85 7.25 -1.68
N GLU B 1 13.67 -7.80 22.42
CA GLU B 1 12.99 -7.64 21.12
C GLU B 1 13.33 -6.26 20.53
N MET B 2 13.93 -6.29 19.34
CA MET B 2 14.32 -5.09 18.62
C MET B 2 13.12 -4.39 18.06
N GLN B 3 13.14 -3.07 18.16
CA GLN B 3 12.08 -2.24 17.64
C GLN B 3 12.57 -0.89 17.18
N LEU B 4 12.25 -0.55 15.94
CA LEU B 4 12.60 0.73 15.35
C LEU B 4 11.25 1.41 15.13
N GLN B 5 11.03 2.52 15.81
CA GLN B 5 9.78 3.28 15.72
C GLN B 5 10.01 4.60 14.98
N GLN B 6 9.34 4.79 13.86
CA GLN B 6 9.53 6.00 13.07
C GLN B 6 8.46 7.05 13.32
N SER B 7 8.81 8.30 13.08
CA SER B 7 7.88 9.40 13.29
C SER B 7 6.70 9.36 12.31
N GLY B 8 5.66 10.14 12.61
CA GLY B 8 4.47 10.18 11.78
C GLY B 8 4.58 10.89 10.43
N ALA B 9 3.56 10.71 9.59
CA ALA B 9 3.52 11.30 8.26
C ALA B 9 3.71 12.82 8.28
N GLU B 10 4.33 13.36 7.23
CA GLU B 10 4.58 14.77 7.20
C GLU B 10 4.08 15.41 5.92
N LEU B 11 3.54 16.63 6.05
CA LEU B 11 3.07 17.42 4.91
C LEU B 11 4.06 18.59 4.98
N LEU B 12 4.85 18.79 3.93
CA LEU B 12 5.85 19.84 3.89
C LEU B 12 5.65 20.77 2.72
N ARG B 13 5.98 22.04 2.95
CA ARG B 13 5.86 23.06 1.93
C ARG B 13 7.13 23.04 1.07
N PRO B 14 6.99 23.29 -0.24
CA PRO B 14 8.14 23.30 -1.14
C PRO B 14 9.22 24.25 -0.64
N GLY B 15 10.48 23.81 -0.71
CA GLY B 15 11.59 24.64 -0.29
C GLY B 15 11.96 24.59 1.18
N THR B 16 11.15 23.93 1.99
CA THR B 16 11.44 23.83 3.40
C THR B 16 12.17 22.50 3.73
N SER B 17 12.37 22.23 5.02
CA SER B 17 13.12 21.06 5.48
C SER B 17 12.33 20.26 6.53
N VAL B 18 12.71 18.99 6.74
CA VAL B 18 12.09 18.12 7.75
C VAL B 18 13.12 17.25 8.41
N LYS B 19 12.88 16.90 9.66
CA LYS B 19 13.77 16.00 10.36
C LYS B 19 12.93 14.80 10.74
N LEU B 20 13.30 13.64 10.22
CA LEU B 20 12.59 12.41 10.50
C LEU B 20 13.33 11.70 11.63
N SER B 21 12.60 10.99 12.48
CA SER B 21 13.26 10.26 13.55
C SER B 21 12.96 8.76 13.49
N CYS B 22 13.92 8.00 14.02
CA CYS B 22 13.86 6.54 14.05
C CYS B 22 14.35 6.12 15.44
N LYS B 23 13.40 5.89 16.34
CA LYS B 23 13.70 5.51 17.71
C LYS B 23 13.90 4.01 17.82
N THR B 24 15.04 3.60 18.36
CA THR B 24 15.33 2.18 18.46
C THR B 24 15.27 1.68 19.90
N SER B 25 15.12 0.37 20.05
CA SER B 25 15.12 -0.30 21.35
C SER B 25 15.42 -1.78 21.19
N GLY B 26 15.78 -2.43 22.29
CA GLY B 26 16.03 -3.86 22.24
C GLY B 26 17.40 -4.28 21.83
N TYR B 27 18.32 -3.35 21.58
CA TYR B 27 19.67 -3.74 21.22
C TYR B 27 20.66 -2.62 21.51
N ILE B 28 21.95 -2.92 21.47
CA ILE B 28 22.98 -1.90 21.74
C ILE B 28 23.06 -0.98 20.53
N PHE B 29 22.41 0.18 20.64
CA PHE B 29 22.31 1.20 19.59
C PHE B 29 23.66 1.59 18.96
N THR B 30 24.67 1.80 19.78
CA THR B 30 25.98 2.21 19.28
C THR B 30 26.77 1.15 18.53
N SER B 31 26.32 -0.10 18.53
CA SER B 31 27.10 -1.15 17.86
C SER B 31 26.70 -1.56 16.46
N TYR B 32 25.70 -0.92 15.88
CA TYR B 32 25.28 -1.30 14.52
C TYR B 32 24.99 -0.09 13.63
N TRP B 33 25.19 -0.28 12.33
CA TRP B 33 24.91 0.76 11.37
C TRP B 33 23.40 0.86 11.16
N ILE B 34 22.93 2.09 10.98
CA ILE B 34 21.53 2.33 10.69
C ILE B 34 21.54 2.91 9.28
N HIS B 35 20.74 2.32 8.40
CA HIS B 35 20.64 2.77 7.02
C HIS B 35 19.28 3.42 6.79
N TRP B 36 19.19 4.27 5.78
CA TRP B 36 17.93 4.91 5.43
C TRP B 36 17.69 4.59 3.96
N VAL B 37 16.45 4.20 3.65
CA VAL B 37 16.04 3.79 2.30
C VAL B 37 14.80 4.59 1.91
N LYS B 38 14.67 4.90 0.64
CA LYS B 38 13.55 5.67 0.12
C LYS B 38 12.74 4.83 -0.86
N GLN B 39 11.41 4.91 -0.77
CA GLN B 39 10.55 4.18 -1.69
C GLN B 39 9.57 5.16 -2.34
N ARG B 40 9.60 5.25 -3.66
CA ARG B 40 8.70 6.16 -4.38
C ARG B 40 7.65 5.43 -5.18
N SER B 41 6.47 6.05 -5.28
CA SER B 41 5.31 5.56 -6.01
C SER B 41 4.91 4.09 -5.91
N GLY B 42 5.69 3.31 -5.15
CA GLY B 42 5.45 1.88 -5.00
C GLY B 42 6.77 1.16 -5.16
N GLN B 43 6.83 0.18 -6.04
CA GLN B 43 8.08 -0.55 -6.24
C GLN B 43 9.20 0.28 -6.90
N GLY B 44 9.88 1.10 -6.10
CA GLY B 44 10.98 1.94 -6.57
C GLY B 44 11.84 2.32 -5.37
N LEU B 45 12.74 1.42 -4.98
CA LEU B 45 13.63 1.59 -3.82
C LEU B 45 15.04 2.16 -4.05
N GLU B 46 15.48 3.05 -3.15
CA GLU B 46 16.82 3.64 -3.24
C GLU B 46 17.49 3.70 -1.91
N TRP B 47 18.80 3.47 -1.91
CA TRP B 47 19.60 3.51 -0.69
C TRP B 47 20.15 4.94 -0.56
N ILE B 48 19.90 5.58 0.58
CA ILE B 48 20.33 6.97 0.83
C ILE B 48 21.68 7.12 1.54
N ALA B 49 21.80 6.57 2.74
CA ALA B 49 23.02 6.69 3.54
C ALA B 49 22.98 5.78 4.77
N ARG B 50 24.11 5.72 5.48
CA ARG B 50 24.23 4.92 6.69
C ARG B 50 25.05 5.64 7.75
N ILE B 51 24.72 5.37 9.01
CA ILE B 51 25.44 6.00 10.10
C ILE B 51 25.75 4.95 11.16
N TYR B 52 26.95 5.07 11.75
CA TYR B 52 27.36 4.20 12.84
C TYR B 52 27.26 5.13 14.04
N PRO B 53 26.19 5.00 14.83
CA PRO B 53 25.94 5.83 16.01
C PRO B 53 27.09 5.86 17.03
N GLY B 54 27.80 4.74 17.16
CA GLY B 54 28.89 4.65 18.10
C GLY B 54 29.92 5.74 17.90
N THR B 55 30.24 6.03 16.65
CA THR B 55 31.23 7.05 16.33
C THR B 55 30.68 8.27 15.59
N GLY B 56 29.51 8.15 15.00
CA GLY B 56 28.94 9.25 14.25
C GLY B 56 29.41 9.25 12.80
N SER B 57 30.09 8.20 12.39
CA SER B 57 30.60 8.06 11.04
C SER B 57 29.43 7.84 10.03
N THR B 58 29.45 8.52 8.89
CA THR B 58 28.39 8.38 7.90
C THR B 58 28.94 8.32 6.48
N TYR B 59 28.17 7.69 5.59
CA TYR B 59 28.49 7.54 4.17
C TYR B 59 27.20 7.84 3.42
N TYR B 60 27.30 8.58 2.32
CA TYR B 60 26.12 8.94 1.57
C TYR B 60 26.22 8.53 0.14
N ASN B 61 25.03 8.27 -0.43
CA ASN B 61 24.89 7.97 -1.84
C ASN B 61 25.10 9.39 -2.43
N GLU B 62 26.01 9.54 -3.40
CA GLU B 62 26.30 10.84 -4.00
C GLU B 62 25.05 11.65 -4.31
N LYS B 63 24.03 11.00 -4.85
CA LYS B 63 22.79 11.65 -5.20
C LYS B 63 22.19 12.44 -4.06
N PHE B 64 22.40 11.96 -2.84
CA PHE B 64 21.81 12.57 -1.65
C PHE B 64 22.66 13.51 -0.81
N LYS B 65 23.91 13.74 -1.20
CA LYS B 65 24.78 14.65 -0.46
C LYS B 65 24.19 16.05 -0.55
N GLY B 66 24.06 16.70 0.61
CA GLY B 66 23.48 18.02 0.64
C GLY B 66 21.96 17.94 0.74
N LYS B 67 21.38 16.80 0.40
CA LYS B 67 19.94 16.62 0.48
C LYS B 67 19.59 16.04 1.84
N ALA B 68 20.31 14.99 2.23
CA ALA B 68 20.09 14.33 3.50
C ALA B 68 21.26 14.53 4.47
N THR B 69 20.94 14.66 5.75
CA THR B 69 21.95 14.77 6.80
C THR B 69 21.52 13.84 7.92
N LEU B 70 22.37 12.88 8.24
CA LEU B 70 22.05 11.91 9.29
C LEU B 70 22.75 12.24 10.59
N THR B 71 22.04 12.06 11.71
CA THR B 71 22.62 12.27 13.04
C THR B 71 22.11 11.14 13.91
N ALA B 72 22.61 11.05 15.12
CA ALA B 72 22.13 10.01 16.02
C ALA B 72 22.33 10.50 17.43
N ASP B 73 21.35 10.25 18.31
CA ASP B 73 21.47 10.64 19.70
C ASP B 73 21.62 9.38 20.54
N LYS B 74 22.84 9.11 20.99
CA LYS B 74 23.12 7.92 21.79
C LYS B 74 22.37 7.86 23.10
N SER B 75 22.13 9.02 23.71
CA SER B 75 21.43 9.05 24.98
C SER B 75 19.99 8.62 24.90
N SER B 76 19.37 8.82 23.74
CA SER B 76 17.98 8.43 23.54
C SER B 76 17.85 7.29 22.55
N SER B 77 18.98 6.87 21.98
CA SER B 77 19.01 5.79 20.99
C SER B 77 18.13 6.08 19.78
N THR B 78 18.12 7.34 19.36
CA THR B 78 17.34 7.79 18.23
C THR B 78 18.21 8.28 17.06
N ALA B 79 17.89 7.81 15.85
CA ALA B 79 18.61 8.19 14.65
C ALA B 79 17.69 9.17 13.94
N TYR B 80 18.26 10.21 13.36
CA TYR B 80 17.50 11.23 12.67
C TYR B 80 18.04 11.41 11.27
N MET B 81 17.19 11.87 10.37
CA MET B 81 17.59 12.18 9.02
C MET B 81 16.91 13.48 8.65
N GLN B 82 17.69 14.49 8.36
CA GLN B 82 17.11 15.76 7.96
C GLN B 82 17.14 15.86 6.45
N LEU B 83 16.03 16.27 5.86
CA LEU B 83 15.91 16.46 4.42
C LEU B 83 15.71 17.97 4.24
N SER B 84 16.53 18.57 3.40
CA SER B 84 16.50 19.99 3.18
C SER B 84 15.96 20.41 1.83
N THR B 85 15.41 21.62 1.78
CA THR B 85 14.86 22.25 0.57
C THR B 85 14.11 21.24 -0.29
N LEU B 86 12.98 20.79 0.24
CA LEU B 86 12.18 19.79 -0.40
C LEU B 86 11.53 20.20 -1.71
N LYS B 87 11.57 19.27 -2.67
CA LYS B 87 10.93 19.48 -3.95
C LYS B 87 10.15 18.22 -4.33
N SER B 88 9.56 18.23 -5.52
CA SER B 88 8.71 17.13 -6.02
C SER B 88 9.17 15.70 -5.73
N GLU B 89 10.40 15.40 -6.13
CA GLU B 89 10.99 14.08 -5.99
C GLU B 89 11.14 13.58 -4.55
N ASP B 90 11.03 14.50 -3.58
CA ASP B 90 11.20 14.12 -2.18
C ASP B 90 9.96 13.51 -1.52
N SER B 91 8.82 13.61 -2.19
CA SER B 91 7.61 13.01 -1.64
C SER B 91 7.83 11.50 -1.78
N ALA B 92 7.82 10.78 -0.66
CA ALA B 92 8.04 9.35 -0.70
C ALA B 92 7.91 8.82 0.70
N VAL B 93 8.12 7.51 0.84
CA VAL B 93 8.10 6.87 2.15
C VAL B 93 9.58 6.59 2.48
N TYR B 94 10.01 6.94 3.69
CA TYR B 94 11.38 6.72 4.09
C TYR B 94 11.41 5.66 5.19
N PHE B 95 12.34 4.73 5.08
CA PHE B 95 12.49 3.65 6.06
C PHE B 95 13.89 3.71 6.69
N CYS B 96 13.97 3.37 7.96
CA CYS B 96 15.26 3.26 8.61
C CYS B 96 15.36 1.75 8.88
N THR B 97 16.57 1.21 8.88
CA THR B 97 16.72 -0.21 9.10
C THR B 97 18.04 -0.58 9.75
N ARG B 98 18.01 -1.52 10.68
CA ARG B 98 19.26 -1.98 11.25
C ARG B 98 19.58 -3.15 10.33
N TRP B 99 20.25 -2.88 9.22
CA TRP B 99 20.56 -3.90 8.22
C TRP B 99 21.19 -5.20 8.75
N GLY B 100 22.05 -5.09 9.76
CA GLY B 100 22.65 -6.27 10.35
C GLY B 100 23.94 -6.87 9.82
N PHE B 101 24.63 -6.19 8.91
CA PHE B 101 25.88 -6.75 8.42
C PHE B 101 27.01 -6.57 9.44
N ILE B 102 27.77 -7.63 9.68
CA ILE B 102 28.87 -7.59 10.62
C ILE B 102 30.13 -7.78 9.82
N PRO B 103 30.79 -6.69 9.46
CA PRO B 103 32.03 -6.73 8.68
C PRO B 103 33.07 -7.74 9.20
N VAL B 104 33.39 -7.68 10.49
CA VAL B 104 34.38 -8.58 11.10
C VAL B 104 34.05 -10.06 10.93
N ARG B 105 32.77 -10.40 11.01
CA ARG B 105 32.40 -11.79 10.86
C ARG B 105 32.08 -12.08 9.38
N GLU B 106 32.00 -11.00 8.57
CA GLU B 106 31.61 -11.12 7.18
C GLU B 106 30.33 -11.93 7.03
N ASP B 107 29.40 -11.66 7.95
CA ASP B 107 28.14 -12.35 7.98
C ASP B 107 27.10 -11.40 8.56
N TYR B 108 25.84 -11.83 8.51
CA TYR B 108 24.73 -10.99 8.96
C TYR B 108 23.98 -11.47 10.16
N VAL B 109 23.34 -10.50 10.79
CA VAL B 109 22.47 -10.67 11.94
C VAL B 109 21.11 -10.23 11.33
N MET B 110 19.99 -10.61 11.93
CA MET B 110 18.66 -10.26 11.41
C MET B 110 18.43 -8.78 11.19
N ASP B 111 17.81 -8.45 10.07
CA ASP B 111 17.50 -7.05 9.77
C ASP B 111 16.18 -6.69 10.40
N TYR B 112 16.13 -5.52 11.03
CA TYR B 112 14.89 -4.99 11.62
C TYR B 112 14.62 -3.65 10.94
N TRP B 113 13.37 -3.40 10.62
CA TRP B 113 13.01 -2.19 9.91
C TRP B 113 11.98 -1.36 10.64
N GLY B 114 12.00 -0.06 10.39
CA GLY B 114 11.00 0.81 10.98
C GLY B 114 9.75 0.64 10.13
N GLN B 115 8.63 1.24 10.54
CA GLN B 115 7.39 1.10 9.77
C GLN B 115 7.28 2.03 8.56
N GLY B 116 8.17 3.02 8.46
CA GLY B 116 8.13 3.93 7.33
C GLY B 116 7.47 5.25 7.66
N THR B 117 8.01 6.33 7.09
CA THR B 117 7.44 7.68 7.29
C THR B 117 7.13 8.24 5.90
N LEU B 118 5.87 8.61 5.70
CA LEU B 118 5.41 9.15 4.43
C LEU B 118 5.59 10.68 4.46
N VAL B 119 6.24 11.23 3.44
CA VAL B 119 6.45 12.68 3.35
C VAL B 119 5.73 13.18 2.08
N THR B 120 4.89 14.20 2.25
CA THR B 120 4.15 14.81 1.14
C THR B 120 4.62 16.26 1.00
N VAL B 121 5.18 16.58 -0.16
CA VAL B 121 5.64 17.93 -0.43
C VAL B 121 4.55 18.61 -1.25
N SER B 122 3.84 19.56 -0.65
CA SER B 122 2.76 20.25 -1.32
C SER B 122 2.48 21.60 -0.65
N SER B 123 1.87 22.51 -1.40
CA SER B 123 1.51 23.81 -0.87
C SER B 123 -0.02 23.83 -0.66
N ALA B 124 -0.69 22.75 -1.07
CA ALA B 124 -2.14 22.63 -0.94
C ALA B 124 -2.54 22.61 0.53
N LYS B 125 -3.70 23.18 0.83
CA LYS B 125 -4.16 23.30 2.20
C LYS B 125 -4.89 22.13 2.82
N THR B 126 -4.74 22.00 4.13
CA THR B 126 -5.37 20.94 4.92
C THR B 126 -6.89 21.09 4.97
N THR B 127 -7.59 20.01 4.69
CA THR B 127 -9.04 20.02 4.66
C THR B 127 -9.56 18.76 5.33
N ALA B 128 -10.56 18.94 6.20
CA ALA B 128 -11.16 17.83 6.93
C ALA B 128 -12.11 17.07 6.01
N PRO B 129 -12.25 15.75 6.21
CA PRO B 129 -13.14 14.99 5.34
C PRO B 129 -14.60 15.02 5.77
N SER B 130 -15.48 14.71 4.83
CA SER B 130 -16.91 14.60 5.07
C SER B 130 -17.10 13.08 5.03
N VAL B 131 -17.82 12.52 6.00
CA VAL B 131 -18.05 11.09 6.05
C VAL B 131 -19.52 10.80 5.78
N TYR B 132 -19.81 10.00 4.77
CA TYR B 132 -21.19 9.66 4.42
C TYR B 132 -21.48 8.17 4.57
N PRO B 133 -22.59 7.81 5.25
CA PRO B 133 -22.94 6.41 5.44
C PRO B 133 -23.59 5.87 4.17
N LEU B 134 -23.27 4.64 3.80
CA LEU B 134 -23.85 4.08 2.60
C LEU B 134 -24.69 2.87 3.00
N ALA B 135 -26.01 3.05 3.04
CA ALA B 135 -26.92 1.97 3.38
C ALA B 135 -27.47 1.48 2.05
N PRO B 136 -27.68 0.17 1.93
CA PRO B 136 -28.19 -0.45 0.69
C PRO B 136 -29.62 -0.10 0.32
N VAL B 137 -29.95 -0.42 -0.92
CA VAL B 137 -31.27 -0.23 -1.46
C VAL B 137 -31.29 -1.29 -2.55
N CYS B 138 -30.19 -1.33 -3.29
CA CYS B 138 -29.97 -2.30 -4.37
C CYS B 138 -28.70 -3.03 -3.93
N GLY B 139 -27.81 -2.30 -3.25
CA GLY B 139 -26.58 -2.88 -2.75
C GLY B 139 -26.83 -3.69 -1.48
N ASP B 140 -28.05 -4.24 -1.40
CA ASP B 140 -28.52 -5.03 -0.27
C ASP B 140 -28.01 -6.47 -0.33
N THR B 141 -27.68 -6.91 -1.55
CA THR B 141 -27.22 -8.27 -1.79
C THR B 141 -28.34 -9.22 -1.31
N THR B 142 -29.58 -8.71 -1.37
CA THR B 142 -30.79 -9.41 -0.98
C THR B 142 -30.70 -9.88 0.48
N GLY B 143 -31.07 -11.13 0.73
CA GLY B 143 -31.00 -11.70 2.05
C GLY B 143 -29.71 -12.51 2.11
N SER B 144 -29.51 -13.23 3.21
CA SER B 144 -28.32 -14.04 3.43
C SER B 144 -27.29 -13.08 4.03
N SER B 145 -26.78 -12.18 3.19
CA SER B 145 -25.81 -11.17 3.61
C SER B 145 -26.13 -9.83 2.97
N VAL B 146 -25.64 -8.77 3.58
CA VAL B 146 -25.86 -7.41 3.11
C VAL B 146 -24.56 -6.63 3.25
N THR B 147 -24.30 -5.71 2.34
CA THR B 147 -23.09 -4.92 2.44
C THR B 147 -23.43 -3.44 2.68
N LEU B 148 -22.68 -2.84 3.60
CA LEU B 148 -22.84 -1.45 3.96
C LEU B 148 -21.55 -0.76 3.51
N GLY B 149 -21.56 0.57 3.47
CA GLY B 149 -20.37 1.25 3.06
C GLY B 149 -20.16 2.53 3.83
N CYS B 150 -18.97 3.12 3.64
CA CYS B 150 -18.60 4.36 4.26
C CYS B 150 -17.79 5.15 3.25
N LEU B 151 -18.25 6.36 2.94
CA LEU B 151 -17.58 7.21 1.97
C LEU B 151 -16.93 8.38 2.69
N VAL B 152 -15.62 8.50 2.53
CA VAL B 152 -14.83 9.58 3.13
C VAL B 152 -14.30 10.45 1.97
N LYS B 153 -14.76 11.69 1.88
CA LYS B 153 -14.27 12.50 0.78
C LYS B 153 -13.97 13.97 1.05
N GLY B 154 -13.13 14.55 0.18
CA GLY B 154 -12.75 15.94 0.29
C GLY B 154 -11.75 16.24 1.39
N TYR B 155 -10.78 15.36 1.61
CA TYR B 155 -9.81 15.63 2.66
C TYR B 155 -8.40 15.78 2.13
N PHE B 156 -7.57 16.51 2.86
CA PHE B 156 -6.17 16.67 2.50
C PHE B 156 -5.39 16.99 3.77
N PRO B 157 -4.24 16.34 3.97
CA PRO B 157 -3.61 15.35 3.12
C PRO B 157 -3.88 13.97 3.69
N GLU B 158 -3.15 12.98 3.19
CA GLU B 158 -3.29 11.63 3.71
C GLU B 158 -2.46 11.61 4.98
N PRO B 159 -2.75 10.68 5.91
CA PRO B 159 -3.76 9.64 5.86
C PRO B 159 -5.00 9.89 6.70
N VAL B 160 -5.96 8.99 6.54
CA VAL B 160 -7.21 9.00 7.30
C VAL B 160 -7.26 7.58 7.90
N THR B 161 -7.90 7.44 9.06
CA THR B 161 -8.03 6.15 9.72
C THR B 161 -9.50 5.77 9.71
N LEU B 162 -9.82 4.60 9.17
CA LEU B 162 -11.20 4.17 9.10
C LEU B 162 -11.33 2.78 9.69
N THR B 163 -12.25 2.60 10.63
CA THR B 163 -12.52 1.31 11.25
C THR B 163 -14.02 1.13 11.34
N TRP B 164 -14.44 -0.06 11.73
CA TRP B 164 -15.85 -0.37 11.87
C TRP B 164 -16.04 -0.90 13.28
N ASN B 165 -17.09 -0.42 13.95
CA ASN B 165 -17.42 -0.82 15.31
C ASN B 165 -16.15 -0.81 16.17
N SER B 166 -15.44 0.30 16.10
CA SER B 166 -14.21 0.53 16.84
C SER B 166 -13.15 -0.56 16.74
N GLY B 167 -13.04 -1.18 15.57
CA GLY B 167 -12.04 -2.21 15.38
C GLY B 167 -12.59 -3.60 15.63
N SER B 168 -13.70 -3.71 16.34
CA SER B 168 -14.32 -5.00 16.62
C SER B 168 -14.61 -5.77 15.33
N LEU B 169 -15.14 -5.04 14.34
CA LEU B 169 -15.49 -5.63 13.06
C LEU B 169 -14.35 -5.49 12.06
N SER B 170 -13.63 -6.58 11.84
CA SER B 170 -12.49 -6.57 10.94
C SER B 170 -12.61 -7.56 9.79
N SER B 171 -13.62 -8.42 9.84
CA SER B 171 -13.78 -9.40 8.80
C SER B 171 -14.87 -9.01 7.81
N GLY B 172 -14.56 -9.22 6.53
CA GLY B 172 -15.52 -8.89 5.50
C GLY B 172 -15.53 -7.42 5.15
N VAL B 173 -14.49 -6.70 5.58
CA VAL B 173 -14.38 -5.27 5.28
C VAL B 173 -13.31 -5.06 4.22
N HIS B 174 -13.57 -4.13 3.30
CA HIS B 174 -12.60 -3.84 2.25
C HIS B 174 -12.40 -2.35 2.29
N THR B 175 -11.19 -1.90 2.60
CA THR B 175 -10.88 -0.48 2.60
C THR B 175 -10.03 -0.16 1.38
N PHE B 176 -10.59 0.68 0.52
CA PHE B 176 -9.94 1.04 -0.72
C PHE B 176 -8.96 2.20 -0.57
N PRO B 177 -7.86 2.14 -1.31
CA PRO B 177 -6.82 3.18 -1.30
C PRO B 177 -7.41 4.51 -1.75
N ALA B 178 -7.05 5.59 -1.06
CA ALA B 178 -7.51 6.93 -1.38
C ALA B 178 -6.96 7.35 -2.75
N VAL B 179 -7.77 8.11 -3.47
CA VAL B 179 -7.41 8.62 -4.79
C VAL B 179 -7.47 10.15 -4.78
N LEU B 180 -6.41 10.79 -5.27
CA LEU B 180 -6.33 12.24 -5.30
C LEU B 180 -7.00 12.77 -6.54
N GLN B 181 -7.80 13.83 -6.37
CA GLN B 181 -8.50 14.48 -7.46
C GLN B 181 -8.76 15.93 -7.07
N SER B 182 -8.25 16.87 -7.86
CA SER B 182 -8.42 18.31 -7.60
C SER B 182 -7.98 18.73 -6.21
N ASP B 183 -6.79 18.29 -5.81
CA ASP B 183 -6.23 18.63 -4.50
C ASP B 183 -6.92 18.02 -3.28
N LEU B 184 -7.86 17.09 -3.51
CA LEU B 184 -8.57 16.44 -2.41
C LEU B 184 -8.63 14.91 -2.62
N TYR B 185 -8.54 14.17 -1.53
CA TYR B 185 -8.62 12.71 -1.60
C TYR B 185 -10.04 12.20 -1.31
N THR B 186 -10.29 10.98 -1.79
CA THR B 186 -11.56 10.30 -1.57
C THR B 186 -11.17 8.87 -1.22
N LEU B 187 -11.83 8.32 -0.21
CA LEU B 187 -11.60 6.96 0.25
C LEU B 187 -12.96 6.32 0.59
N SER B 188 -13.07 5.01 0.38
CA SER B 188 -14.30 4.32 0.69
C SER B 188 -13.97 2.93 1.27
N SER B 189 -14.91 2.37 2.03
CA SER B 189 -14.72 1.07 2.65
C SER B 189 -16.07 0.37 2.68
N SER B 190 -16.08 -0.94 2.42
CA SER B 190 -17.32 -1.71 2.44
C SER B 190 -17.22 -2.78 3.52
N VAL B 191 -18.37 -3.21 4.04
CA VAL B 191 -18.40 -4.26 5.06
C VAL B 191 -19.60 -5.17 4.76
N THR B 192 -19.34 -6.47 4.70
CA THR B 192 -20.40 -7.42 4.40
C THR B 192 -20.76 -8.22 5.64
N VAL B 193 -22.02 -8.14 6.05
CA VAL B 193 -22.51 -8.87 7.22
C VAL B 193 -23.73 -9.73 6.82
N THR B 194 -24.18 -10.60 7.71
CA THR B 194 -25.32 -11.45 7.41
C THR B 194 -26.59 -10.63 7.58
N SER B 195 -27.68 -11.01 6.89
CA SER B 195 -28.93 -10.27 7.00
C SER B 195 -29.38 -10.21 8.46
N SER B 196 -28.98 -11.24 9.20
CA SER B 196 -29.31 -11.40 10.61
C SER B 196 -28.66 -10.37 11.55
N THR B 197 -27.54 -9.81 11.12
CA THR B 197 -26.83 -8.84 11.94
C THR B 197 -27.38 -7.43 11.78
N TRP B 198 -27.46 -6.97 10.55
CA TRP B 198 -27.95 -5.62 10.27
C TRP B 198 -29.35 -5.71 9.72
N PRO B 199 -30.25 -4.78 10.09
CA PRO B 199 -30.16 -3.61 10.99
C PRO B 199 -30.33 -3.93 12.47
N SER B 200 -30.49 -5.20 12.79
CA SER B 200 -30.68 -5.69 14.15
C SER B 200 -29.69 -5.04 15.12
N GLN B 201 -28.40 -5.26 14.86
CA GLN B 201 -27.36 -4.66 15.68
C GLN B 201 -26.72 -3.54 14.86
N SER B 202 -26.26 -2.48 15.53
CA SER B 202 -25.68 -1.34 14.84
C SER B 202 -24.25 -1.50 14.30
N ILE B 203 -24.06 -1.00 13.08
CA ILE B 203 -22.77 -1.03 12.43
C ILE B 203 -22.37 0.43 12.34
N THR B 204 -21.17 0.75 12.79
CA THR B 204 -20.71 2.13 12.79
C THR B 204 -19.33 2.28 12.14
N CYS B 205 -19.20 3.32 11.34
CA CYS B 205 -17.98 3.63 10.64
C CYS B 205 -17.23 4.70 11.44
N ASN B 206 -15.97 4.43 11.79
CA ASN B 206 -15.16 5.38 12.56
C ASN B 206 -14.04 5.95 11.68
N VAL B 207 -13.93 7.27 11.62
CA VAL B 207 -12.90 7.91 10.78
C VAL B 207 -12.12 8.95 11.55
N ALA B 208 -10.81 8.98 11.32
CA ALA B 208 -9.94 9.96 11.97
C ALA B 208 -8.99 10.55 10.93
N HIS B 209 -8.86 11.88 10.95
CA HIS B 209 -7.95 12.58 10.05
C HIS B 209 -7.06 13.40 10.96
N PRO B 210 -5.93 12.83 11.40
CA PRO B 210 -5.00 13.53 12.29
C PRO B 210 -4.62 14.95 11.86
N ALA B 211 -4.24 15.13 10.60
CA ALA B 211 -3.83 16.44 10.10
C ALA B 211 -4.79 17.58 10.41
N SER B 212 -6.09 17.29 10.51
CA SER B 212 -7.05 18.35 10.80
C SER B 212 -7.74 18.11 12.14
N SER B 213 -7.26 17.12 12.89
CA SER B 213 -7.85 16.79 14.20
C SER B 213 -9.34 16.46 14.09
N THR B 214 -9.71 15.69 13.08
CA THR B 214 -11.09 15.32 12.88
C THR B 214 -11.29 13.85 13.28
N LYS B 215 -12.32 13.57 14.06
CA LYS B 215 -12.65 12.21 14.48
C LYS B 215 -14.17 12.12 14.39
N VAL B 216 -14.67 11.24 13.53
CA VAL B 216 -16.11 11.14 13.36
C VAL B 216 -16.62 9.71 13.24
N ASP B 217 -17.74 9.46 13.89
CA ASP B 217 -18.39 8.15 13.86
C ASP B 217 -19.72 8.31 13.17
N LYS B 218 -19.93 7.54 12.11
CA LYS B 218 -21.19 7.59 11.37
C LYS B 218 -21.86 6.25 11.49
N LYS B 219 -23.13 6.26 11.86
CA LYS B 219 -23.92 5.06 12.04
C LYS B 219 -24.70 4.80 10.77
N ILE B 220 -24.66 3.58 10.28
CA ILE B 220 -25.39 3.24 9.06
C ILE B 220 -26.81 2.88 9.45
N GLU B 221 -27.72 3.81 9.20
CA GLU B 221 -29.12 3.58 9.49
C GLU B 221 -29.75 3.16 8.17
N PRO B 222 -30.89 2.49 8.20
CA PRO B 222 -31.55 2.06 6.98
C PRO B 222 -32.26 3.26 6.30
ZN ZN C . -31.22 11.79 -17.67
ZN ZN D . -33.88 12.57 -21.67
ZN ZN E . -34.39 12.76 -18.34
ZN ZN F . 35.94 -1.66 -7.57
ZN ZN G . 24.87 -15.81 7.18
ZN ZN H . 32.60 -0.95 -7.71
ZN ZN I . -30.65 12.07 -20.84
C1 NPO J . 20.67 -2.07 2.34
C2 NPO J . 21.84 -1.93 3.04
C3 NPO J . 23.00 -2.46 2.52
C4 NPO J . 23.00 -3.13 1.30
C5 NPO J . 21.83 -3.28 0.58
C6 NPO J . 20.66 -2.74 1.10
OH NPO J . 24.16 -3.66 0.84
N1 NPO J . 19.43 -1.56 2.89
O2 NPO J . 19.38 -1.08 4.03
O3 NPO J . 18.41 -1.65 2.21
#